data_6E6U
#
_entry.id   6E6U
#
_cell.length_a   80.361
_cell.length_b   80.361
_cell.length_c   78.323
_cell.angle_alpha   90.00
_cell.angle_beta   90.00
_cell.angle_gamma   90.00
#
_symmetry.space_group_name_H-M   'P 41'
#
loop_
_entity.id
_entity.type
_entity.pdbx_description
1 polymer 'Dieckmann cyclase, NcmC'
2 non-polymer 'SULFATE ION'
3 water water
#
_entity_poly.entity_id   1
_entity_poly.type   'polypeptide(L)'
_entity_poly.pdbx_seq_one_letter_code
;SNAMTAPRAWRPIAGGPPAGPLVLAVDFAATGRPEAAFADLVARLDPGTEVWESLQPPLGTETGMVAEDYVTRWEEEVRA
SGRRIGAVLGFSAGSAFAGELAVRLARSQPRSPRLVVFDPESPTTSTLYYQFRKVVESLAGVLGEQAAREALAEGTAAAD
RIGDVEGLGAELVRVFTAAGRAACAAADLDDEFADELTATYRSFVSYLVAAAAVDHVKCWSGAVAVSSATPTSGLNPLDP
AARAALVERELTFDVHHADLLRDPGVARAVARLLA
;
_entity_poly.pdbx_strand_id   A,B
#
loop_
_chem_comp.id
_chem_comp.type
_chem_comp.name
_chem_comp.formula
SO4 non-polymer 'SULFATE ION' 'O4 S -2'
#
# COMPACT_ATOMS: atom_id res chain seq x y z
N ARG A 8 -2.81 5.43 -9.77
CA ARG A 8 -3.95 4.61 -9.32
C ARG A 8 -5.25 4.85 -10.14
N ALA A 9 -6.33 4.19 -9.75
CA ALA A 9 -7.66 4.45 -10.35
C ALA A 9 -8.61 5.11 -9.36
N TRP A 10 -8.22 5.20 -8.11
CA TRP A 10 -9.05 5.79 -7.04
C TRP A 10 -8.20 6.73 -6.19
N ARG A 11 -8.78 7.80 -5.72
CA ARG A 11 -8.15 8.71 -4.71
C ARG A 11 -9.01 8.90 -3.50
N PRO A 12 -8.42 8.85 -2.31
CA PRO A 12 -9.22 9.12 -1.12
C PRO A 12 -9.55 10.63 -0.99
N ILE A 13 -10.83 10.92 -0.75
CA ILE A 13 -11.26 12.34 -0.55
C ILE A 13 -11.77 12.53 0.84
N ALA A 14 -11.87 11.48 1.63
CA ALA A 14 -12.19 11.55 3.06
C ALA A 14 -11.68 10.32 3.80
N GLY A 15 -11.27 10.50 5.07
CA GLY A 15 -10.45 9.49 5.79
C GLY A 15 -11.33 8.58 6.61
N GLY A 16 -10.76 7.45 7.05
CA GLY A 16 -11.44 6.52 8.01
C GLY A 16 -10.57 5.47 8.75
N PRO A 17 -11.17 4.67 9.65
CA PRO A 17 -10.39 3.65 10.41
C PRO A 17 -9.81 2.55 9.52
N GLY A 20 -12.84 -0.38 8.54
CA GLY A 20 -14.24 0.05 8.36
C GLY A 20 -14.70 -0.04 6.87
N PRO A 21 -16.01 -0.04 6.60
CA PRO A 21 -16.49 -0.16 5.19
C PRO A 21 -16.27 1.17 4.43
N LEU A 22 -16.07 1.07 3.13
CA LEU A 22 -15.57 2.21 2.31
C LEU A 22 -16.75 2.63 1.47
N VAL A 23 -16.76 3.92 1.08
CA VAL A 23 -17.70 4.48 0.09
C VAL A 23 -16.91 4.85 -1.15
N LEU A 24 -17.38 4.39 -2.30
CA LEU A 24 -16.84 4.74 -3.59
C LEU A 24 -17.68 5.82 -4.22
N ALA A 25 -17.05 6.75 -4.93
CA ALA A 25 -17.78 7.83 -5.63
C ALA A 25 -17.26 8.05 -7.04
N VAL A 26 -18.12 7.96 -8.06
CA VAL A 26 -17.74 8.04 -9.42
C VAL A 26 -18.18 9.33 -10.10
N ASP A 27 -17.22 10.05 -10.67
CA ASP A 27 -17.42 11.29 -11.35
C ASP A 27 -16.16 11.61 -12.18
N PHE A 28 -16.29 12.58 -13.07
CA PHE A 28 -15.17 13.09 -13.87
C PHE A 28 -14.61 14.36 -13.18
N ALA A 29 -13.40 14.23 -12.66
CA ALA A 29 -12.66 15.33 -12.00
C ALA A 29 -12.33 16.43 -13.02
N ALA A 30 -12.65 17.69 -12.66
CA ALA A 30 -12.34 18.84 -13.52
C ALA A 30 -12.26 20.13 -12.68
N THR A 31 -11.05 20.53 -12.31
CA THR A 31 -10.93 21.67 -11.39
C THR A 31 -11.46 22.94 -12.07
N GLY A 32 -12.17 23.70 -11.27
CA GLY A 32 -12.78 24.94 -11.71
C GLY A 32 -14.09 24.71 -12.42
N ARG A 33 -14.61 23.47 -12.46
CA ARG A 33 -15.90 23.27 -13.15
C ARG A 33 -17.02 23.97 -12.35
N PRO A 34 -18.16 24.29 -12.98
CA PRO A 34 -19.25 25.00 -12.29
C PRO A 34 -20.04 24.14 -11.31
N GLU A 35 -20.07 22.85 -11.56
CA GLU A 35 -20.85 21.95 -10.71
C GLU A 35 -20.08 21.54 -9.46
N ALA A 36 -20.74 21.63 -8.30
CA ALA A 36 -20.31 21.04 -7.07
C ALA A 36 -19.94 19.57 -7.27
N ALA A 37 -18.98 19.16 -6.49
CA ALA A 37 -18.30 17.85 -6.60
C ALA A 37 -18.48 17.06 -5.37
N PHE A 38 -18.11 15.78 -5.45
CA PHE A 38 -18.13 14.94 -4.28
C PHE A 38 -17.36 15.49 -3.02
N ALA A 39 -16.24 16.21 -3.29
CA ALA A 39 -15.59 16.89 -2.19
C ALA A 39 -16.52 17.80 -1.41
N ASP A 40 -17.44 18.49 -2.10
CA ASP A 40 -18.44 19.38 -1.43
C ASP A 40 -19.41 18.59 -0.58
N LEU A 41 -19.79 17.39 -1.06
CA LEU A 41 -20.68 16.52 -0.34
C LEU A 41 -19.97 15.93 0.87
N VAL A 42 -18.74 15.39 0.74
CA VAL A 42 -18.09 14.74 1.87
C VAL A 42 -17.76 15.78 2.97
N ALA A 43 -17.55 17.04 2.60
CA ALA A 43 -17.37 18.11 3.60
C ALA A 43 -18.57 18.22 4.54
N ARG A 44 -19.71 17.77 4.07
CA ARG A 44 -21.00 17.94 4.73
C ARG A 44 -21.54 16.62 5.35
N LEU A 45 -20.71 15.58 5.28
CA LEU A 45 -20.96 14.31 5.96
C LEU A 45 -20.17 14.25 7.32
N ASP A 46 -20.72 13.41 8.20
CA ASP A 46 -20.01 12.82 9.36
C ASP A 46 -18.61 12.34 9.04
N PRO A 47 -17.59 12.71 9.81
CA PRO A 47 -16.20 12.40 9.39
C PRO A 47 -15.62 10.96 9.50
N GLY A 48 -16.31 10.01 10.06
CA GLY A 48 -15.75 8.64 10.21
C GLY A 48 -15.42 7.84 8.91
N THR A 49 -16.42 7.69 8.10
CA THR A 49 -16.40 6.90 6.84
C THR A 49 -15.38 7.35 5.71
N GLU A 50 -14.51 6.40 5.30
CA GLU A 50 -13.56 6.63 4.24
C GLU A 50 -14.36 6.73 2.88
N VAL A 51 -14.01 7.69 2.05
CA VAL A 51 -14.56 7.83 0.69
C VAL A 51 -13.44 7.95 -0.35
N TRP A 52 -13.52 7.15 -1.44
CA TRP A 52 -12.61 7.22 -2.53
C TRP A 52 -13.36 7.75 -3.76
N GLU A 53 -12.75 8.69 -4.49
CA GLU A 53 -13.27 9.19 -5.73
C GLU A 53 -12.56 8.57 -6.92
N SER A 54 -13.30 8.25 -8.00
CA SER A 54 -12.71 7.68 -9.20
C SER A 54 -11.76 8.61 -9.90
N LEU A 55 -10.57 8.09 -10.29
CA LEU A 55 -9.69 8.79 -11.18
C LEU A 55 -9.86 8.27 -12.61
N GLN A 56 -9.69 9.15 -13.58
CA GLN A 56 -9.64 8.75 -15.03
C GLN A 56 -8.28 8.14 -15.33
N PRO A 57 -8.22 7.30 -16.36
CA PRO A 57 -6.90 6.96 -16.92
C PRO A 57 -6.02 8.17 -17.19
N PRO A 58 -4.69 8.00 -17.02
CA PRO A 58 -3.77 9.02 -17.41
C PRO A 58 -4.07 9.55 -18.81
N LEU A 59 -4.04 10.86 -19.01
CA LEU A 59 -4.45 11.44 -20.23
C LEU A 59 -3.85 10.79 -21.46
N GLY A 60 -4.76 10.44 -22.40
CA GLY A 60 -4.40 9.77 -23.65
C GLY A 60 -4.50 8.27 -23.59
N THR A 61 -4.24 7.66 -22.42
CA THR A 61 -4.27 6.23 -22.27
C THR A 61 -5.71 5.64 -22.26
N GLU A 62 -6.71 6.49 -22.14
CA GLU A 62 -8.07 6.06 -22.31
C GLU A 62 -8.47 5.74 -23.76
N THR A 63 -7.65 6.22 -24.73
CA THR A 63 -7.85 5.88 -26.10
C THR A 63 -7.64 4.36 -26.25
N GLY A 64 -8.64 3.67 -26.78
CA GLY A 64 -8.58 2.21 -26.86
C GLY A 64 -9.23 1.50 -25.69
N MET A 65 -9.73 2.29 -24.72
CA MET A 65 -10.45 1.62 -23.62
C MET A 65 -11.92 1.69 -23.86
N VAL A 66 -12.59 0.58 -23.68
CA VAL A 66 -14.04 0.56 -23.68
C VAL A 66 -14.57 0.50 -22.24
N ALA A 67 -15.91 0.50 -22.11
CA ALA A 67 -16.53 0.54 -20.80
C ALA A 67 -16.00 -0.62 -19.95
N GLU A 68 -15.89 -1.82 -20.53
CA GLU A 68 -15.38 -2.92 -19.76
C GLU A 68 -13.96 -2.67 -19.12
N ASP A 69 -13.12 -2.02 -19.91
CA ASP A 69 -11.73 -1.69 -19.49
C ASP A 69 -11.81 -0.66 -18.33
N TYR A 70 -12.66 0.36 -18.44
CA TYR A 70 -12.83 1.35 -17.35
C TYR A 70 -13.29 0.67 -16.07
N VAL A 71 -14.32 -0.18 -16.20
CA VAL A 71 -14.95 -0.86 -15.00
C VAL A 71 -13.99 -1.84 -14.36
N THR A 72 -13.32 -2.67 -15.17
CA THR A 72 -12.32 -3.57 -14.64
C THR A 72 -11.17 -2.87 -13.90
N ARG A 73 -10.74 -1.74 -14.44
CA ARG A 73 -9.66 -0.99 -13.84
C ARG A 73 -10.06 -0.59 -12.39
N TRP A 74 -11.26 -0.03 -12.29
CA TRP A 74 -11.80 0.40 -10.99
C TRP A 74 -12.03 -0.80 -10.04
N GLU A 75 -12.65 -1.81 -10.58
CA GLU A 75 -13.01 -3.04 -9.80
C GLU A 75 -11.77 -3.75 -9.27
N GLU A 76 -10.76 -3.89 -10.10
CA GLU A 76 -9.60 -4.67 -9.69
C GLU A 76 -8.83 -3.97 -8.58
N GLU A 77 -8.78 -2.64 -8.57
CA GLU A 77 -8.12 -1.92 -7.47
C GLU A 77 -8.88 -2.12 -6.17
N VAL A 78 -10.22 -2.13 -6.23
CA VAL A 78 -10.98 -2.45 -5.09
C VAL A 78 -10.72 -3.89 -4.59
N ARG A 79 -10.65 -4.82 -5.54
CA ARG A 79 -10.47 -6.26 -5.15
C ARG A 79 -9.14 -6.33 -4.43
N ALA A 80 -8.11 -5.73 -5.01
CA ALA A 80 -6.72 -5.80 -4.50
C ALA A 80 -6.57 -5.17 -3.09
N SER A 81 -7.40 -4.16 -2.76
CA SER A 81 -7.39 -3.51 -1.45
C SER A 81 -7.87 -4.39 -0.32
N GLY A 82 -8.69 -5.36 -0.64
CA GLY A 82 -9.36 -6.17 0.33
C GLY A 82 -10.48 -5.56 1.13
N ARG A 83 -10.86 -4.32 0.81
CA ARG A 83 -11.82 -3.65 1.55
C ARG A 83 -13.23 -4.04 1.11
N ARG A 84 -14.14 -3.96 2.02
CA ARG A 84 -15.58 -4.08 1.77
C ARG A 84 -16.18 -2.70 1.40
N ILE A 85 -17.12 -2.67 0.47
CA ILE A 85 -17.76 -1.45 0.01
C ILE A 85 -19.14 -1.39 0.59
N GLY A 86 -19.40 -0.33 1.38
CA GLY A 86 -20.67 -0.11 1.91
C GLY A 86 -21.65 0.63 1.04
N ALA A 87 -21.10 1.46 0.16
CA ALA A 87 -21.91 2.26 -0.72
C ALA A 87 -21.15 2.74 -1.92
N VAL A 88 -21.87 2.86 -3.03
CA VAL A 88 -21.34 3.37 -4.29
C VAL A 88 -22.20 4.57 -4.69
N LEU A 89 -21.53 5.71 -4.89
CA LEU A 89 -22.15 6.94 -5.32
C LEU A 89 -21.76 7.30 -6.75
N GLY A 90 -22.64 7.87 -7.52
CA GLY A 90 -22.23 8.48 -8.81
C GLY A 90 -22.93 9.80 -9.06
N PHE A 91 -22.29 10.64 -9.84
CA PHE A 91 -22.88 11.91 -10.26
C PHE A 91 -22.98 11.93 -11.76
N SER A 92 -24.14 12.33 -12.26
CA SER A 92 -24.30 12.53 -13.70
C SER A 92 -23.97 11.21 -14.46
N ALA A 93 -23.15 11.27 -15.52
CA ALA A 93 -22.72 10.06 -16.22
C ALA A 93 -22.01 9.05 -15.36
N GLY A 94 -21.32 9.54 -14.35
CA GLY A 94 -20.69 8.66 -13.39
C GLY A 94 -21.64 7.71 -12.75
N SER A 95 -22.91 8.03 -12.68
CA SER A 95 -23.95 7.15 -12.15
C SER A 95 -24.01 5.78 -12.91
N ALA A 96 -23.73 5.82 -14.23
CA ALA A 96 -23.74 4.57 -14.99
C ALA A 96 -22.66 3.61 -14.52
N PHE A 97 -21.41 4.10 -14.36
CA PHE A 97 -20.30 3.33 -13.90
C PHE A 97 -20.57 2.94 -12.44
N ALA A 98 -21.12 3.85 -11.59
CA ALA A 98 -21.42 3.48 -10.20
C ALA A 98 -22.40 2.32 -10.12
N GLY A 99 -23.39 2.30 -11.03
CA GLY A 99 -24.36 1.24 -11.05
C GLY A 99 -23.75 -0.10 -11.44
N GLU A 100 -22.85 -0.08 -12.43
CA GLU A 100 -22.17 -1.32 -12.82
C GLU A 100 -21.26 -1.85 -11.71
N LEU A 101 -20.50 -0.92 -11.03
CA LEU A 101 -19.68 -1.35 -9.94
C LEU A 101 -20.51 -1.88 -8.82
N ALA A 102 -21.65 -1.28 -8.52
CA ALA A 102 -22.52 -1.71 -7.42
C ALA A 102 -23.09 -3.10 -7.68
N VAL A 103 -23.49 -3.36 -8.92
CA VAL A 103 -24.05 -4.68 -9.30
C VAL A 103 -22.96 -5.72 -9.19
N ARG A 104 -21.74 -5.43 -9.60
CA ARG A 104 -20.60 -6.37 -9.49
C ARG A 104 -20.26 -6.61 -8.04
N LEU A 105 -20.28 -5.54 -7.22
CA LEU A 105 -20.01 -5.78 -5.81
C LEU A 105 -21.13 -6.52 -5.06
N ALA A 106 -22.38 -6.41 -5.51
CA ALA A 106 -23.47 -7.19 -4.94
C ALA A 106 -23.22 -8.65 -5.20
N ARG A 107 -22.50 -8.94 -6.27
CA ARG A 107 -22.18 -10.34 -6.59
C ARG A 107 -20.97 -10.80 -5.90
N SER A 108 -19.95 -9.93 -5.78
CA SER A 108 -18.64 -10.33 -5.20
C SER A 108 -18.57 -10.22 -3.64
N GLN A 109 -19.55 -9.53 -3.02
CA GLN A 109 -19.60 -9.37 -1.55
C GLN A 109 -20.77 -10.14 -0.99
N PRO A 110 -20.65 -10.63 0.26
CA PRO A 110 -21.79 -11.30 0.91
C PRO A 110 -22.93 -10.33 1.11
N ARG A 111 -22.66 -9.04 1.38
CA ARG A 111 -23.70 -8.05 1.51
C ARG A 111 -23.51 -6.94 0.45
N SER A 112 -24.61 -6.62 -0.20
CA SER A 112 -24.57 -5.62 -1.30
C SER A 112 -24.36 -4.23 -0.79
N PRO A 113 -23.58 -3.43 -1.56
CA PRO A 113 -23.50 -1.99 -1.19
C PRO A 113 -24.78 -1.22 -1.55
N ARG A 114 -25.01 -0.07 -0.85
CA ARG A 114 -26.06 0.86 -1.24
C ARG A 114 -25.62 1.57 -2.49
N LEU A 115 -26.53 1.80 -3.37
CA LEU A 115 -26.27 2.59 -4.58
C LEU A 115 -27.05 3.88 -4.56
N VAL A 116 -26.36 5.03 -4.59
CA VAL A 116 -27.04 6.33 -4.62
C VAL A 116 -26.46 7.07 -5.86
N VAL A 117 -27.38 7.54 -6.67
CA VAL A 117 -27.03 8.22 -7.93
C VAL A 117 -27.63 9.61 -7.94
N PHE A 118 -26.79 10.61 -8.31
CA PHE A 118 -27.20 12.03 -8.25
C PHE A 118 -27.33 12.58 -9.68
N ASP A 119 -28.56 12.99 -10.07
CA ASP A 119 -28.92 13.38 -11.43
C ASP A 119 -28.34 12.38 -12.44
N PRO A 120 -28.63 11.09 -12.23
CA PRO A 120 -28.08 10.04 -13.11
C PRO A 120 -28.34 10.27 -14.59
N GLU A 121 -27.30 10.06 -15.39
CA GLU A 121 -27.40 10.23 -16.82
C GLU A 121 -26.76 9.09 -17.54
N SER A 122 -27.44 8.64 -18.62
CA SER A 122 -26.82 7.75 -19.60
C SER A 122 -26.67 8.60 -20.86
N PRO A 123 -25.43 9.02 -21.16
CA PRO A 123 -25.27 10.06 -22.21
C PRO A 123 -25.88 9.67 -23.56
N THR A 124 -26.47 10.70 -24.19
CA THR A 124 -27.08 10.58 -25.50
C THR A 124 -26.37 11.55 -26.45
N THR A 125 -26.73 11.52 -27.73
CA THR A 125 -26.32 12.62 -28.65
C THR A 125 -26.71 14.00 -28.12
N SER A 126 -27.87 14.20 -27.48
CA SER A 126 -28.19 15.53 -26.94
C SER A 126 -27.28 15.97 -25.80
N THR A 127 -26.93 15.04 -24.89
CA THR A 127 -26.15 15.45 -23.76
C THR A 127 -24.71 15.66 -24.28
N LEU A 128 -24.20 14.90 -25.25
CA LEU A 128 -22.86 15.19 -25.84
C LEU A 128 -22.84 16.61 -26.43
N TYR A 129 -23.89 17.00 -27.15
CA TYR A 129 -23.95 18.34 -27.80
C TYR A 129 -24.13 19.52 -26.79
N TYR A 130 -25.04 19.37 -25.83
CA TYR A 130 -25.20 20.36 -24.78
C TYR A 130 -23.86 20.57 -24.08
N GLN A 131 -23.14 19.48 -23.80
CA GLN A 131 -21.84 19.60 -23.10
C GLN A 131 -20.77 20.32 -23.92
N PHE A 132 -20.73 19.99 -25.19
CA PHE A 132 -19.80 20.60 -26.12
C PHE A 132 -20.07 22.12 -26.17
N ARG A 133 -21.34 22.47 -26.26
CA ARG A 133 -21.71 23.88 -26.30
C ARG A 133 -21.20 24.61 -25.07
N LYS A 134 -21.41 24.04 -23.88
CA LYS A 134 -21.05 24.73 -22.62
C LYS A 134 -19.54 24.88 -22.52
N VAL A 135 -18.80 23.86 -22.95
CA VAL A 135 -17.33 23.87 -23.05
C VAL A 135 -16.89 25.04 -23.93
N VAL A 136 -17.36 25.03 -25.15
CA VAL A 136 -16.95 26.08 -26.14
C VAL A 136 -17.33 27.52 -25.63
N GLU A 137 -18.56 27.68 -25.13
CA GLU A 137 -19.05 28.95 -24.52
C GLU A 137 -18.11 29.40 -23.36
N SER A 138 -17.67 28.44 -22.52
CA SER A 138 -16.76 28.76 -21.40
C SER A 138 -15.37 29.20 -21.85
N LEU A 139 -14.98 28.85 -23.07
CA LEU A 139 -13.67 29.21 -23.60
C LEU A 139 -13.69 30.38 -24.60
N ALA A 140 -14.85 31.05 -24.76
CA ALA A 140 -15.03 32.08 -25.79
C ALA A 140 -14.14 33.28 -25.52
N GLY A 141 -14.12 33.74 -24.26
CA GLY A 141 -13.20 34.78 -23.84
C GLY A 141 -11.73 34.58 -24.26
N VAL A 142 -11.29 33.32 -24.26
CA VAL A 142 -9.87 32.94 -24.56
C VAL A 142 -9.67 32.47 -26.02
N LEU A 143 -10.56 31.61 -26.54
CA LEU A 143 -10.52 31.25 -27.98
C LEU A 143 -10.83 32.45 -28.87
N GLY A 144 -11.65 33.36 -28.35
CA GLY A 144 -12.12 34.52 -29.07
C GLY A 144 -13.53 34.20 -29.56
N GLU A 145 -14.37 35.21 -29.65
CA GLU A 145 -15.78 35.04 -29.98
C GLU A 145 -15.92 34.42 -31.41
N GLN A 146 -15.13 34.86 -32.40
CA GLN A 146 -15.32 34.25 -33.75
C GLN A 146 -14.93 32.76 -33.82
N ALA A 147 -13.76 32.44 -33.29
CA ALA A 147 -13.36 31.03 -33.19
C ALA A 147 -14.44 30.18 -32.44
N ALA A 148 -15.06 30.77 -31.43
CA ALA A 148 -16.08 30.06 -30.63
C ALA A 148 -17.32 29.82 -31.46
N ARG A 149 -17.74 30.86 -32.18
CA ARG A 149 -18.84 30.73 -33.15
C ARG A 149 -18.64 29.61 -34.14
N GLU A 150 -17.48 29.55 -34.74
CA GLU A 150 -17.16 28.52 -35.72
C GLU A 150 -17.21 27.14 -35.16
N ALA A 151 -16.70 26.99 -33.91
CA ALA A 151 -16.69 25.67 -33.28
C ALA A 151 -18.12 25.26 -33.01
N LEU A 152 -18.92 26.21 -32.46
CA LEU A 152 -20.32 25.92 -32.18
C LEU A 152 -21.05 25.51 -33.45
N ALA A 153 -20.90 26.30 -34.55
CA ALA A 153 -21.55 25.89 -35.80
C ALA A 153 -21.05 24.54 -36.30
N GLU A 154 -19.76 24.22 -36.14
CA GLU A 154 -19.29 22.89 -36.58
C GLU A 154 -19.88 21.76 -35.74
N GLY A 155 -19.90 21.97 -34.43
CA GLY A 155 -20.50 20.97 -33.54
C GLY A 155 -21.99 20.80 -33.76
N THR A 156 -22.69 21.91 -34.06
CA THR A 156 -24.10 21.90 -34.40
C THR A 156 -24.35 21.11 -35.69
N ALA A 157 -23.59 21.41 -36.72
CA ALA A 157 -23.66 20.62 -37.94
C ALA A 157 -23.53 19.13 -37.59
N ALA A 158 -22.51 18.80 -36.81
CA ALA A 158 -22.18 17.44 -36.47
C ALA A 158 -23.33 16.73 -35.80
N ALA A 159 -23.96 17.40 -34.84
CA ALA A 159 -25.08 16.81 -34.07
C ALA A 159 -26.28 16.64 -34.98
N ASP A 160 -26.43 17.51 -35.98
CA ASP A 160 -27.56 17.38 -36.94
C ASP A 160 -27.38 16.24 -37.91
N ARG A 161 -26.15 15.81 -38.14
CA ARG A 161 -25.84 14.77 -39.12
C ARG A 161 -25.62 13.40 -38.54
N ILE A 162 -25.15 13.31 -37.28
CA ILE A 162 -24.61 12.04 -36.74
C ILE A 162 -25.51 11.54 -35.59
N GLY A 163 -26.19 10.43 -35.86
CA GLY A 163 -27.22 9.87 -34.99
C GLY A 163 -26.76 8.93 -33.86
N ASP A 164 -25.56 8.35 -33.91
CA ASP A 164 -25.14 7.49 -32.81
C ASP A 164 -24.17 8.21 -31.85
N VAL A 165 -24.21 7.74 -30.59
CA VAL A 165 -23.48 8.36 -29.51
C VAL A 165 -21.97 8.23 -29.68
N GLU A 166 -21.45 7.08 -29.99
CA GLU A 166 -20.04 6.96 -30.16
C GLU A 166 -19.52 7.79 -31.38
N GLY A 167 -20.27 7.79 -32.48
CA GLY A 167 -19.85 8.53 -33.67
C GLY A 167 -19.87 10.04 -33.42
N LEU A 168 -20.87 10.54 -32.74
CA LEU A 168 -20.96 11.95 -32.50
C LEU A 168 -19.82 12.37 -31.58
N GLY A 169 -19.60 11.59 -30.51
CA GLY A 169 -18.50 11.85 -29.59
C GLY A 169 -17.16 11.97 -30.32
N ALA A 170 -16.87 11.03 -31.21
CA ALA A 170 -15.65 11.07 -32.02
C ALA A 170 -15.50 12.39 -32.83
N GLU A 171 -16.55 12.83 -33.50
CA GLU A 171 -16.46 14.00 -34.32
C GLU A 171 -16.38 15.28 -33.48
N LEU A 172 -17.03 15.32 -32.31
CA LEU A 172 -16.99 16.53 -31.51
C LEU A 172 -15.60 16.70 -30.99
N VAL A 173 -14.93 15.59 -30.73
CA VAL A 173 -13.54 15.61 -30.29
C VAL A 173 -12.67 16.07 -31.47
N ARG A 174 -12.94 15.58 -32.67
CA ARG A 174 -12.27 16.16 -33.91
C ARG A 174 -12.43 17.67 -34.07
N VAL A 175 -13.67 18.15 -33.97
CA VAL A 175 -13.98 19.61 -34.05
C VAL A 175 -13.26 20.39 -32.95
N PHE A 176 -13.29 19.88 -31.70
CA PHE A 176 -12.71 20.65 -30.62
C PHE A 176 -11.21 20.64 -30.73
N THR A 177 -10.64 19.49 -31.09
CA THR A 177 -9.19 19.38 -31.22
C THR A 177 -8.69 20.38 -32.27
N ALA A 178 -9.40 20.38 -33.39
CA ALA A 178 -9.12 21.32 -34.50
C ALA A 178 -9.25 22.75 -34.07
N ALA A 179 -10.22 23.07 -33.24
CA ALA A 179 -10.37 24.44 -32.78
C ALA A 179 -9.26 24.83 -31.78
N GLY A 180 -8.86 23.91 -30.92
CA GLY A 180 -7.76 24.20 -30.03
C GLY A 180 -6.46 24.32 -30.78
N ARG A 181 -6.21 23.45 -31.78
CA ARG A 181 -4.95 23.52 -32.53
C ARG A 181 -4.86 24.88 -33.26
N ALA A 182 -6.00 25.40 -33.70
CA ALA A 182 -6.00 26.61 -34.51
C ALA A 182 -5.79 27.82 -33.62
N ALA A 183 -6.42 27.80 -32.44
CA ALA A 183 -6.27 28.89 -31.46
C ALA A 183 -4.79 28.92 -31.01
N CYS A 184 -4.17 27.77 -30.92
CA CYS A 184 -2.78 27.69 -30.58
C CYS A 184 -1.95 28.32 -31.70
N ALA A 185 -2.19 27.92 -32.93
CA ALA A 185 -1.44 28.45 -34.07
C ALA A 185 -1.64 30.00 -34.20
N ALA A 186 -2.83 30.52 -33.84
CA ALA A 186 -3.06 31.98 -33.80
C ALA A 186 -2.37 32.68 -32.60
N ALA A 187 -1.65 31.91 -31.76
CA ALA A 187 -1.13 32.32 -30.44
C ALA A 187 -2.16 32.86 -29.46
N ASP A 188 -3.42 32.47 -29.59
CA ASP A 188 -4.39 32.78 -28.52
C ASP A 188 -4.34 31.85 -27.26
N LEU A 189 -3.73 30.67 -27.45
CA LEU A 189 -3.45 29.68 -26.41
C LEU A 189 -1.96 29.30 -26.46
N ASP A 190 -1.32 29.29 -25.28
CA ASP A 190 -0.02 28.60 -25.07
C ASP A 190 -0.17 27.16 -25.53
N ASP A 191 0.88 26.60 -26.15
CA ASP A 191 0.75 25.27 -26.77
C ASP A 191 0.74 24.03 -25.79
N GLU A 192 1.03 24.28 -24.51
CA GLU A 192 0.79 23.28 -23.45
C GLU A 192 -0.61 23.42 -22.89
N PHE A 193 -1.12 24.66 -22.82
CA PHE A 193 -2.48 24.86 -22.42
C PHE A 193 -3.39 24.22 -23.51
N ALA A 194 -3.03 24.36 -24.79
CA ALA A 194 -3.84 23.81 -25.86
C ALA A 194 -3.89 22.27 -25.79
N ASP A 195 -2.71 21.64 -25.69
CA ASP A 195 -2.61 20.20 -25.55
C ASP A 195 -3.44 19.63 -24.39
N GLU A 196 -3.37 20.30 -23.25
CA GLU A 196 -4.09 19.90 -22.04
C GLU A 196 -5.60 20.07 -22.20
N LEU A 197 -6.00 21.19 -22.78
CA LEU A 197 -7.39 21.43 -23.11
C LEU A 197 -7.96 20.30 -24.00
N THR A 198 -7.29 19.98 -25.10
CA THR A 198 -7.82 19.05 -26.09
C THR A 198 -7.73 17.60 -25.56
N ALA A 199 -6.69 17.31 -24.80
CA ALA A 199 -6.54 15.97 -24.24
C ALA A 199 -7.62 15.76 -23.19
N THR A 200 -7.93 16.77 -22.42
CA THR A 200 -8.92 16.65 -21.37
C THR A 200 -10.35 16.49 -21.95
N TYR A 201 -10.66 17.28 -22.98
CA TYR A 201 -11.96 17.13 -23.59
C TYR A 201 -12.09 15.69 -24.21
N ARG A 202 -11.05 15.18 -24.86
CA ARG A 202 -11.01 13.87 -25.42
C ARG A 202 -11.25 12.77 -24.30
N SER A 203 -10.57 12.93 -23.17
CA SER A 203 -10.76 12.04 -21.98
C SER A 203 -12.25 12.13 -21.53
N PHE A 204 -12.82 13.31 -21.49
CA PHE A 204 -14.21 13.48 -21.04
C PHE A 204 -15.19 12.78 -21.97
N VAL A 205 -15.04 12.99 -23.27
CA VAL A 205 -15.96 12.39 -24.22
C VAL A 205 -15.77 10.88 -24.17
N SER A 206 -14.54 10.38 -24.01
CA SER A 206 -14.29 8.98 -23.90
C SER A 206 -15.06 8.35 -22.71
N TYR A 207 -15.01 9.08 -21.63
CA TYR A 207 -15.71 8.66 -20.40
C TYR A 207 -17.22 8.65 -20.61
N LEU A 208 -17.74 9.70 -21.19
CA LEU A 208 -19.18 9.79 -21.48
C LEU A 208 -19.63 8.66 -22.38
N VAL A 209 -18.88 8.40 -23.45
CA VAL A 209 -19.32 7.39 -24.45
C VAL A 209 -19.30 6.02 -23.79
N ALA A 210 -18.25 5.73 -23.02
CA ALA A 210 -18.15 4.48 -22.24
C ALA A 210 -19.30 4.38 -21.21
N ALA A 211 -19.60 5.47 -20.52
CA ALA A 211 -20.75 5.41 -19.59
C ALA A 211 -22.06 5.07 -20.30
N ALA A 212 -22.29 5.65 -21.47
CA ALA A 212 -23.44 5.30 -22.27
C ALA A 212 -23.54 3.83 -22.60
N ALA A 213 -22.42 3.16 -22.69
CA ALA A 213 -22.44 1.72 -23.02
C ALA A 213 -22.94 0.81 -21.89
N VAL A 214 -22.95 1.31 -20.62
CA VAL A 214 -23.41 0.52 -19.52
C VAL A 214 -24.94 0.29 -19.67
N ASP A 215 -25.35 -0.89 -19.29
CA ASP A 215 -26.78 -1.24 -19.25
C ASP A 215 -27.38 -0.58 -17.97
N HIS A 216 -27.74 0.67 -18.13
CA HIS A 216 -28.21 1.50 -16.94
C HIS A 216 -29.59 1.05 -16.51
N VAL A 217 -30.41 0.47 -17.41
CA VAL A 217 -31.68 -0.02 -16.94
C VAL A 217 -31.47 -1.21 -16.00
N LYS A 218 -30.55 -2.12 -16.30
CA LYS A 218 -30.24 -3.16 -15.31
C LYS A 218 -29.63 -2.63 -14.03
N CYS A 219 -28.67 -1.73 -14.20
CA CYS A 219 -27.80 -1.36 -13.08
C CYS A 219 -28.49 -0.39 -12.15
N TRP A 220 -29.50 0.34 -12.62
CA TRP A 220 -30.16 1.36 -11.71
C TRP A 220 -31.45 0.86 -11.07
N SER A 221 -31.78 -0.41 -11.27
CA SER A 221 -33.03 -0.90 -10.69
C SER A 221 -33.04 -0.86 -9.18
N GLY A 222 -31.91 -1.07 -8.49
CA GLY A 222 -31.80 -0.91 -7.06
C GLY A 222 -31.25 0.39 -6.54
N ALA A 223 -31.15 1.38 -7.40
CA ALA A 223 -30.56 2.71 -7.03
C ALA A 223 -31.57 3.59 -6.35
N VAL A 224 -31.09 4.32 -5.37
CA VAL A 224 -31.79 5.50 -4.87
C VAL A 224 -31.26 6.70 -5.66
N ALA A 225 -32.14 7.42 -6.35
CA ALA A 225 -31.75 8.61 -7.10
C ALA A 225 -31.99 9.89 -6.25
N VAL A 226 -31.05 10.83 -6.41
CA VAL A 226 -31.19 12.18 -5.81
C VAL A 226 -31.21 13.13 -6.98
N SER A 227 -32.33 13.86 -7.16
CA SER A 227 -32.60 14.70 -8.33
C SER A 227 -32.65 16.17 -8.00
N SER A 228 -31.97 16.96 -8.83
CA SER A 228 -32.10 18.43 -8.80
C SER A 228 -33.40 18.83 -9.43
N ALA A 229 -33.58 20.15 -9.52
CA ALA A 229 -34.70 20.74 -10.25
C ALA A 229 -34.41 21.16 -11.67
N THR A 230 -33.20 20.93 -12.20
CA THR A 230 -32.84 21.46 -13.54
C THR A 230 -33.54 20.55 -14.55
N PRO A 231 -34.42 21.12 -15.40
CA PRO A 231 -35.24 20.25 -16.28
C PRO A 231 -34.53 19.33 -17.27
N THR A 232 -33.35 19.69 -17.73
CA THR A 232 -32.63 18.91 -18.67
C THR A 232 -31.71 17.90 -18.00
N SER A 233 -31.59 17.93 -16.65
CA SER A 233 -30.62 17.07 -15.95
C SER A 233 -31.21 15.76 -15.42
N GLY A 234 -30.41 14.72 -15.40
CA GLY A 234 -30.76 13.45 -14.77
C GLY A 234 -32.06 12.86 -15.25
N LEU A 235 -32.92 12.52 -14.29
CA LEU A 235 -34.21 11.87 -14.59
C LEU A 235 -35.28 12.90 -14.97
N ASN A 236 -34.99 14.19 -14.84
CA ASN A 236 -36.02 15.22 -15.12
C ASN A 236 -36.65 15.21 -16.54
N PRO A 237 -35.90 14.92 -17.60
CA PRO A 237 -36.51 14.83 -18.98
C PRO A 237 -37.44 13.66 -19.14
N LEU A 238 -37.35 12.66 -18.30
CA LEU A 238 -38.19 11.44 -18.42
C LEU A 238 -39.57 11.70 -17.90
N ASP A 239 -40.55 11.01 -18.45
CA ASP A 239 -41.88 11.16 -17.85
C ASP A 239 -42.00 10.44 -16.49
N PRO A 240 -43.00 10.84 -15.69
CA PRO A 240 -43.09 10.24 -14.36
C PRO A 240 -43.04 8.73 -14.30
N ALA A 241 -43.79 8.03 -15.13
CA ALA A 241 -43.84 6.60 -15.07
C ALA A 241 -42.47 5.96 -15.42
N ALA A 242 -41.79 6.59 -16.38
CA ALA A 242 -40.43 6.17 -16.79
C ALA A 242 -39.41 6.37 -15.65
N ARG A 243 -39.52 7.49 -14.96
CA ARG A 243 -38.61 7.67 -13.79
C ARG A 243 -38.87 6.61 -12.75
N ALA A 244 -40.15 6.32 -12.44
CA ALA A 244 -40.47 5.36 -11.39
C ALA A 244 -40.09 3.93 -11.74
N ALA A 245 -40.15 3.61 -13.04
CA ALA A 245 -39.73 2.32 -13.54
C ALA A 245 -38.20 2.13 -13.46
N LEU A 246 -37.47 3.22 -13.60
CA LEU A 246 -36.00 3.10 -13.81
C LEU A 246 -35.19 2.87 -12.53
N VAL A 247 -35.58 3.53 -11.45
CA VAL A 247 -34.87 3.47 -10.20
C VAL A 247 -35.79 2.97 -9.08
N GLU A 248 -35.18 2.56 -7.98
CA GLU A 248 -35.93 2.07 -6.84
C GLU A 248 -36.70 3.19 -6.10
N ARG A 249 -36.05 4.36 -5.95
CA ARG A 249 -36.59 5.49 -5.20
C ARG A 249 -35.96 6.74 -5.73
N GLU A 250 -36.72 7.82 -5.78
CA GLU A 250 -36.20 9.09 -6.30
C GLU A 250 -36.52 10.22 -5.30
N LEU A 251 -35.51 10.76 -4.64
CA LEU A 251 -35.67 11.94 -3.78
C LEU A 251 -35.49 13.17 -4.63
N THR A 252 -36.28 14.22 -4.40
CA THR A 252 -36.18 15.46 -5.15
C THR A 252 -35.73 16.62 -4.24
N PHE A 253 -34.98 17.56 -4.86
CA PHE A 253 -34.44 18.74 -4.17
C PHE A 253 -34.57 19.94 -5.10
N ASP A 254 -35.05 21.06 -4.49
CA ASP A 254 -35.30 22.25 -5.32
C ASP A 254 -34.02 23.12 -5.41
N VAL A 255 -33.07 22.59 -6.13
CA VAL A 255 -31.74 23.18 -6.26
C VAL A 255 -31.28 22.97 -7.67
N HIS A 256 -30.34 23.77 -8.17
CA HIS A 256 -29.80 23.62 -9.50
C HIS A 256 -28.90 22.36 -9.51
N HIS A 257 -28.87 21.70 -10.64
CA HIS A 257 -27.90 20.60 -10.87
C HIS A 257 -26.48 20.94 -10.41
N ALA A 258 -26.02 22.13 -10.76
CA ALA A 258 -24.63 22.54 -10.34
C ALA A 258 -24.46 22.75 -8.86
N ASP A 259 -25.53 22.84 -8.09
CA ASP A 259 -25.45 23.05 -6.63
C ASP A 259 -25.79 21.78 -5.82
N LEU A 260 -26.16 20.69 -6.54
CA LEU A 260 -26.74 19.53 -5.86
C LEU A 260 -25.84 18.96 -4.79
N LEU A 261 -24.54 18.81 -5.12
CA LEU A 261 -23.60 18.16 -4.18
C LEU A 261 -23.07 19.07 -3.09
N ARG A 262 -23.46 20.33 -3.11
CA ARG A 262 -23.11 21.24 -2.03
C ARG A 262 -24.32 21.57 -1.16
N ASP A 263 -25.45 20.99 -1.42
CA ASP A 263 -26.65 21.37 -0.65
C ASP A 263 -26.71 20.69 0.72
N PRO A 264 -27.03 21.45 1.78
CA PRO A 264 -27.06 20.78 3.04
C PRO A 264 -28.19 19.78 3.23
N GLY A 265 -29.34 20.04 2.58
CA GLY A 265 -30.44 19.07 2.61
C GLY A 265 -30.11 17.75 1.92
N VAL A 266 -29.43 17.87 0.80
CA VAL A 266 -28.86 16.65 0.16
C VAL A 266 -27.97 15.92 1.09
N ALA A 267 -26.98 16.61 1.71
CA ALA A 267 -26.04 15.95 2.57
C ALA A 267 -26.70 15.26 3.74
N ARG A 268 -27.70 15.91 4.38
CA ARG A 268 -28.41 15.35 5.46
C ARG A 268 -29.12 14.04 5.00
N ALA A 269 -29.76 14.11 3.84
CA ALA A 269 -30.49 12.94 3.31
C ALA A 269 -29.51 11.80 3.00
N VAL A 270 -28.36 12.15 2.40
CA VAL A 270 -27.30 11.15 2.11
C VAL A 270 -26.82 10.46 3.35
N ALA A 271 -26.56 11.23 4.45
CA ALA A 271 -26.12 10.61 5.66
C ALA A 271 -27.13 9.61 6.18
N ARG A 272 -28.40 9.88 6.03
CA ARG A 272 -29.46 8.92 6.50
C ARG A 272 -29.51 7.74 5.60
N LEU A 273 -29.36 7.97 4.30
CA LEU A 273 -29.31 6.80 3.34
C LEU A 273 -28.12 5.91 3.58
N LEU A 274 -27.01 6.41 4.09
CA LEU A 274 -25.81 5.65 4.34
C LEU A 274 -25.81 5.09 5.77
N ALA A 275 -26.73 5.49 6.63
CA ALA A 275 -26.69 5.04 8.07
C ALA A 275 -27.01 3.53 8.20
N ARG B 8 36.69 -18.63 18.23
CA ARG B 8 35.73 -18.44 19.43
C ARG B 8 34.36 -17.93 18.97
N ALA B 9 33.34 -18.59 19.45
CA ALA B 9 31.99 -18.45 18.93
C ALA B 9 31.03 -17.83 19.93
N TRP B 10 31.46 -17.67 21.17
CA TRP B 10 30.58 -17.11 22.23
C TRP B 10 31.40 -16.10 22.99
N ARG B 11 30.76 -15.07 23.53
CA ARG B 11 31.45 -14.14 24.49
C ARG B 11 30.70 -14.00 25.73
N PRO B 12 31.39 -14.01 26.89
CA PRO B 12 30.61 -13.74 28.10
C PRO B 12 30.19 -12.28 28.26
N ILE B 13 28.91 -12.01 28.59
CA ILE B 13 28.44 -10.68 28.75
C ILE B 13 27.94 -10.41 30.19
N ALA B 14 27.91 -11.47 31.04
CA ALA B 14 27.52 -11.35 32.48
C ALA B 14 27.96 -12.54 33.21
N GLY B 15 28.43 -12.34 34.44
CA GLY B 15 29.36 -13.28 35.06
C GLY B 15 28.58 -14.14 35.97
N GLY B 16 29.15 -15.25 36.41
CA GLY B 16 28.51 -16.12 37.45
C GLY B 16 29.46 -17.17 38.08
N PRO B 17 28.94 -18.08 38.94
CA PRO B 17 29.79 -19.01 39.77
C PRO B 17 30.53 -20.13 39.03
N GLY B 20 27.61 -22.79 37.50
CA GLY B 20 26.16 -22.56 37.52
C GLY B 20 25.61 -22.88 36.12
N PRO B 21 24.30 -23.02 35.98
CA PRO B 21 23.75 -23.20 34.62
C PRO B 21 23.92 -21.86 33.85
N LEU B 22 24.18 -21.98 32.56
CA LEU B 22 24.55 -20.82 31.70
C LEU B 22 23.31 -20.43 30.90
N VAL B 23 23.14 -19.13 30.55
CA VAL B 23 22.19 -18.69 29.51
C VAL B 23 22.94 -18.27 28.25
N LEU B 24 22.50 -18.84 27.13
CA LEU B 24 23.00 -18.38 25.82
C LEU B 24 22.05 -17.41 25.19
N ALA B 25 22.60 -16.40 24.49
CA ALA B 25 21.85 -15.38 23.85
C ALA B 25 22.29 -15.22 22.40
N VAL B 26 21.36 -15.38 21.48
CA VAL B 26 21.70 -15.40 20.08
C VAL B 26 21.17 -14.13 19.39
N ASP B 27 22.06 -13.41 18.71
CA ASP B 27 21.76 -12.17 17.98
C ASP B 27 23.00 -11.85 17.13
N PHE B 28 22.79 -10.86 16.25
CA PHE B 28 23.87 -10.39 15.44
C PHE B 28 24.47 -9.12 16.05
N ALA B 29 25.68 -9.21 16.59
CA ALA B 29 26.37 -8.05 17.26
C ALA B 29 26.60 -6.94 16.29
N ALA B 30 26.10 -5.77 16.68
CA ALA B 30 26.32 -4.53 15.87
C ALA B 30 26.24 -3.39 16.88
N THR B 31 27.33 -3.13 17.60
CA THR B 31 27.32 -2.14 18.70
C THR B 31 26.88 -0.76 18.13
N GLY B 32 26.10 -0.04 18.94
CA GLY B 32 25.50 1.22 18.50
C GLY B 32 24.32 1.14 17.54
N ARG B 33 23.77 -0.06 17.27
CA ARG B 33 22.62 -0.18 16.36
C ARG B 33 21.41 0.46 17.10
N PRO B 34 20.34 0.76 16.40
CA PRO B 34 19.20 1.42 17.09
C PRO B 34 18.36 0.49 18.02
N GLU B 35 18.32 -0.81 17.70
CA GLU B 35 17.56 -1.72 18.59
C GLU B 35 18.36 -2.06 19.81
N ALA B 36 17.70 -1.98 20.95
CA ALA B 36 18.19 -2.51 22.13
C ALA B 36 18.72 -3.97 21.96
N ALA B 37 19.67 -4.30 22.78
CA ALA B 37 20.43 -5.57 22.63
C ALA B 37 20.40 -6.35 23.88
N PHE B 38 20.95 -7.58 23.85
CA PHE B 38 21.01 -8.36 25.03
C PHE B 38 21.75 -7.75 26.25
N ALA B 39 22.72 -6.92 25.99
CA ALA B 39 23.38 -6.26 27.09
C ALA B 39 22.37 -5.36 27.87
N ASP B 40 21.41 -4.78 27.14
CA ASP B 40 20.34 -3.93 27.83
C ASP B 40 19.44 -4.78 28.71
N LEU B 41 19.14 -6.01 28.24
CA LEU B 41 18.41 -6.93 29.03
C LEU B 41 19.13 -7.47 30.21
N VAL B 42 20.37 -7.95 30.00
CA VAL B 42 21.10 -8.60 31.08
C VAL B 42 21.41 -7.58 32.23
N ALA B 43 21.49 -6.29 31.89
CA ALA B 43 21.71 -5.26 32.93
C ALA B 43 20.59 -5.20 33.90
N ARG B 44 19.43 -5.65 33.43
CA ARG B 44 18.17 -5.56 34.19
C ARG B 44 17.68 -6.88 34.78
N LEU B 45 18.46 -7.92 34.57
CA LEU B 45 18.11 -9.23 35.15
C LEU B 45 18.69 -9.40 36.50
N ASP B 46 18.32 -10.53 37.08
CA ASP B 46 18.95 -10.91 38.33
C ASP B 46 20.47 -11.13 38.30
N PRO B 47 21.19 -10.53 39.20
CA PRO B 47 22.63 -10.44 39.20
C PRO B 47 23.50 -11.71 39.03
N GLY B 48 23.12 -12.87 39.52
CA GLY B 48 24.08 -14.00 39.42
C GLY B 48 24.14 -15.03 38.28
N THR B 49 23.48 -14.80 37.16
CA THR B 49 23.58 -15.86 36.12
C THR B 49 24.36 -15.40 34.92
N GLU B 50 25.19 -16.34 34.51
CA GLU B 50 26.19 -16.17 33.53
C GLU B 50 25.43 -16.14 32.19
N VAL B 51 25.85 -15.22 31.31
CA VAL B 51 25.20 -15.09 30.01
C VAL B 51 26.31 -15.00 29.01
N TRP B 52 26.23 -15.79 27.92
CA TRP B 52 27.16 -15.72 26.78
C TRP B 52 26.36 -15.23 25.57
N GLU B 53 26.91 -14.31 24.79
CA GLU B 53 26.30 -13.84 23.56
C GLU B 53 26.98 -14.48 22.37
N SER B 54 26.20 -14.88 21.35
CA SER B 54 26.78 -15.43 20.15
C SER B 54 27.62 -14.49 19.36
N LEU B 55 28.83 -14.97 18.98
CA LEU B 55 29.66 -14.29 18.01
C LEU B 55 29.49 -14.88 16.61
N GLN B 56 29.52 -14.01 15.60
CA GLN B 56 29.57 -14.50 14.21
C GLN B 56 30.97 -15.08 13.89
N PRO B 57 31.00 -15.90 12.83
CA PRO B 57 32.33 -16.25 12.35
C PRO B 57 33.17 -15.01 12.04
N PRO B 58 34.52 -15.11 12.18
CA PRO B 58 35.31 -13.97 11.72
C PRO B 58 34.97 -13.53 10.32
N LEU B 59 35.02 -12.23 10.05
CA LEU B 59 34.56 -11.75 8.77
C LEU B 59 35.21 -12.49 7.60
N GLY B 60 34.38 -12.94 6.70
CA GLY B 60 34.78 -13.71 5.53
C GLY B 60 34.72 -15.21 5.73
N THR B 61 34.88 -15.72 6.93
CA THR B 61 34.86 -17.16 7.16
C THR B 61 33.45 -17.76 7.10
N GLU B 62 32.45 -16.90 7.15
CA GLU B 62 31.10 -17.37 6.93
C GLU B 62 30.79 -17.83 5.54
N THR B 63 31.63 -17.39 4.59
CA THR B 63 31.43 -17.77 3.20
C THR B 63 31.65 -19.29 3.12
N GLY B 64 30.65 -19.99 2.60
CA GLY B 64 30.67 -21.42 2.59
C GLY B 64 29.95 -22.10 3.76
N MET B 65 29.40 -21.33 4.71
CA MET B 65 28.74 -21.91 5.84
C MET B 65 27.21 -21.86 5.62
N VAL B 66 26.57 -22.98 5.80
CA VAL B 66 25.08 -23.07 5.77
C VAL B 66 24.60 -23.14 7.22
N ALA B 67 23.27 -23.19 7.40
CA ALA B 67 22.76 -23.14 8.76
C ALA B 67 23.28 -24.25 9.63
N GLU B 68 23.40 -25.46 9.11
CA GLU B 68 24.00 -26.54 9.91
C GLU B 68 25.40 -26.21 10.41
N ASP B 69 26.20 -25.53 9.61
CA ASP B 69 27.56 -25.13 9.98
C ASP B 69 27.53 -24.06 11.12
N TYR B 70 26.65 -23.07 10.96
CA TYR B 70 26.52 -22.03 12.00
C TYR B 70 26.18 -22.70 13.35
N VAL B 71 25.17 -23.58 13.32
CA VAL B 71 24.69 -24.23 14.54
C VAL B 71 25.76 -25.15 15.17
N THR B 72 26.41 -25.96 14.32
CA THR B 72 27.47 -26.82 14.84
C THR B 72 28.66 -26.05 15.46
N ARG B 73 29.00 -24.89 14.87
CA ARG B 73 30.09 -24.04 15.38
C ARG B 73 29.70 -23.61 16.84
N TRP B 74 28.47 -23.14 17.01
CA TRP B 74 28.04 -22.72 18.34
C TRP B 74 27.90 -23.89 19.30
N GLU B 75 27.31 -24.98 18.80
CA GLU B 75 27.08 -26.18 19.63
C GLU B 75 28.38 -26.83 20.10
N GLU B 76 29.37 -26.89 19.21
CA GLU B 76 30.64 -27.56 19.55
C GLU B 76 31.40 -26.83 20.63
N GLU B 77 31.36 -25.49 20.61
CA GLU B 77 31.99 -24.70 21.66
C GLU B 77 31.33 -24.93 23.00
N VAL B 78 30.00 -25.03 23.04
CA VAL B 78 29.33 -25.39 24.25
C VAL B 78 29.73 -26.81 24.73
N ARG B 79 29.74 -27.77 23.82
CA ARG B 79 30.12 -29.17 24.21
C ARG B 79 31.51 -29.15 24.80
N ALA B 80 32.42 -28.49 24.17
CA ALA B 80 33.85 -28.44 24.61
C ALA B 80 33.97 -27.77 25.98
N SER B 81 33.16 -26.76 26.27
CA SER B 81 33.20 -26.07 27.55
C SER B 81 32.85 -26.95 28.75
N GLY B 82 32.05 -27.96 28.50
CA GLY B 82 31.48 -28.77 29.56
C GLY B 82 30.32 -28.23 30.34
N ARG B 83 29.89 -27.01 30.01
CA ARG B 83 28.85 -26.36 30.75
C ARG B 83 27.48 -26.84 30.38
N ARG B 84 26.60 -26.77 31.34
CA ARG B 84 25.18 -27.01 31.17
C ARG B 84 24.48 -25.73 30.83
N ILE B 85 23.45 -25.83 29.94
CA ILE B 85 22.71 -24.65 29.51
C ILE B 85 21.33 -24.64 30.11
N GLY B 86 21.01 -23.64 30.91
CA GLY B 86 19.70 -23.56 31.46
C GLY B 86 18.66 -22.86 30.60
N ALA B 87 19.10 -21.93 29.72
CA ALA B 87 18.20 -21.25 28.88
C ALA B 87 18.90 -20.75 27.63
N VAL B 88 18.14 -20.73 26.55
CA VAL B 88 18.61 -20.13 25.31
C VAL B 88 17.67 -19.00 24.90
N LEU B 89 18.22 -17.79 24.65
CA LEU B 89 17.48 -16.61 24.25
C LEU B 89 17.81 -16.25 22.83
N GLY B 90 16.87 -15.78 22.04
CA GLY B 90 17.13 -15.26 20.76
C GLY B 90 16.38 -13.97 20.52
N PHE B 91 16.93 -13.11 19.69
CA PHE B 91 16.30 -11.88 19.27
C PHE B 91 16.10 -11.83 17.77
N SER B 92 14.90 -11.50 17.26
CA SER B 92 14.67 -11.36 15.85
C SER B 92 15.10 -12.64 15.10
N ALA B 93 15.87 -12.52 14.04
CA ALA B 93 16.31 -13.73 13.29
C ALA B 93 17.16 -14.67 14.13
N GLY B 94 17.87 -14.15 15.11
CA GLY B 94 18.59 -14.99 16.04
C GLY B 94 17.74 -15.98 16.73
N SER B 95 16.43 -15.71 16.82
CA SER B 95 15.51 -16.65 17.43
C SER B 95 15.47 -18.03 16.68
N ALA B 96 15.66 -18.03 15.39
CA ALA B 96 15.74 -19.27 14.56
C ALA B 96 16.91 -20.14 15.07
N PHE B 97 18.08 -19.54 15.19
CA PHE B 97 19.27 -20.29 15.68
C PHE B 97 19.11 -20.68 17.13
N ALA B 98 18.54 -19.78 17.98
CA ALA B 98 18.30 -20.08 19.36
C ALA B 98 17.40 -21.36 19.46
N GLY B 99 16.36 -21.41 18.66
CA GLY B 99 15.49 -22.61 18.64
C GLY B 99 16.16 -23.89 18.24
N GLU B 100 16.99 -23.80 17.22
CA GLU B 100 17.74 -24.99 16.82
C GLU B 100 18.69 -25.44 17.91
N LEU B 101 19.46 -24.51 18.49
CA LEU B 101 20.35 -24.85 19.60
C LEU B 101 19.61 -25.47 20.76
N ALA B 102 18.45 -24.92 21.12
CA ALA B 102 17.72 -25.38 22.26
C ALA B 102 17.19 -26.80 21.97
N VAL B 103 16.78 -27.09 20.74
CA VAL B 103 16.30 -28.45 20.40
C VAL B 103 17.51 -29.39 20.51
N ARG B 104 18.66 -28.98 20.04
CA ARG B 104 19.86 -29.84 20.12
C ARG B 104 20.28 -30.10 21.52
N LEU B 105 20.20 -29.07 22.35
CA LEU B 105 20.56 -29.24 23.76
C LEU B 105 19.55 -30.02 24.54
N ALA B 106 18.27 -30.03 24.12
CA ALA B 106 17.31 -30.86 24.78
C ALA B 106 17.70 -32.33 24.54
N ARG B 107 18.32 -32.60 23.40
CA ARG B 107 18.79 -33.96 23.11
C ARG B 107 20.12 -34.27 23.79
N SER B 108 21.06 -33.36 23.87
CA SER B 108 22.39 -33.61 24.39
C SER B 108 22.45 -33.53 25.96
N GLN B 109 21.48 -32.89 26.60
CA GLN B 109 21.45 -32.75 28.06
C GLN B 109 20.42 -33.58 28.68
N PRO B 110 20.64 -34.00 29.95
CA PRO B 110 19.60 -34.73 30.63
C PRO B 110 18.29 -33.90 30.80
N ARG B 111 18.44 -32.59 30.97
CA ARG B 111 17.29 -31.69 31.18
C ARG B 111 17.42 -30.55 30.18
N SER B 112 16.33 -30.26 29.57
CA SER B 112 16.29 -29.33 28.44
C SER B 112 16.39 -27.89 28.95
N PRO B 113 17.01 -27.06 28.13
CA PRO B 113 16.99 -25.58 28.45
C PRO B 113 15.63 -25.02 28.16
N ARG B 114 15.33 -23.86 28.83
CA ARG B 114 14.19 -23.07 28.50
C ARG B 114 14.54 -22.24 27.25
N LEU B 115 13.60 -22.03 26.42
CA LEU B 115 13.75 -21.28 25.15
C LEU B 115 12.89 -20.04 25.18
N VAL B 116 13.50 -18.84 25.10
CA VAL B 116 12.74 -17.61 25.07
C VAL B 116 13.13 -16.83 23.87
N VAL B 117 12.16 -16.49 23.06
CA VAL B 117 12.43 -15.78 21.79
C VAL B 117 11.79 -14.39 21.80
N PHE B 118 12.51 -13.36 21.33
CA PHE B 118 12.08 -11.93 21.46
C PHE B 118 11.81 -11.42 20.04
N ASP B 119 10.56 -11.09 19.67
CA ASP B 119 10.11 -10.75 18.32
C ASP B 119 10.69 -11.69 17.27
N PRO B 120 10.42 -12.98 17.45
CA PRO B 120 11.09 -13.98 16.57
C PRO B 120 10.74 -13.81 15.10
N GLU B 121 11.74 -13.95 14.24
CA GLU B 121 11.62 -13.85 12.83
C GLU B 121 12.35 -14.93 12.09
N SER B 122 11.64 -15.47 11.10
CA SER B 122 12.28 -16.32 10.11
C SER B 122 12.40 -15.45 8.87
N PRO B 123 13.62 -15.05 8.52
CA PRO B 123 13.70 -14.06 7.41
C PRO B 123 13.10 -14.52 6.04
N THR B 124 12.46 -13.57 5.40
CA THR B 124 11.86 -13.75 4.07
C THR B 124 12.56 -12.76 3.12
N THR B 125 12.16 -12.80 1.87
CA THR B 125 12.53 -11.68 0.97
C THR B 125 12.15 -10.30 1.45
N SER B 126 10.96 -10.10 2.06
CA SER B 126 10.58 -8.82 2.52
C SER B 126 11.42 -8.36 3.64
N THR B 127 11.71 -9.26 4.60
CA THR B 127 12.52 -8.80 5.71
C THR B 127 13.98 -8.53 5.25
N LEU B 128 14.54 -9.26 4.30
CA LEU B 128 15.88 -8.96 3.75
C LEU B 128 15.94 -7.59 3.04
N TYR B 129 14.91 -7.32 2.24
CA TYR B 129 14.84 -6.07 1.51
C TYR B 129 14.64 -4.87 2.43
N TYR B 130 13.72 -4.95 3.43
CA TYR B 130 13.59 -3.87 4.42
C TYR B 130 14.89 -3.61 5.15
N GLN B 131 15.59 -4.66 5.52
CA GLN B 131 16.83 -4.47 6.25
C GLN B 131 17.90 -3.84 5.38
N PHE B 132 17.94 -4.23 4.14
CA PHE B 132 18.88 -3.65 3.17
C PHE B 132 18.60 -2.15 3.06
N ARG B 133 17.35 -1.78 2.90
CA ARG B 133 17.00 -0.39 2.83
C ARG B 133 17.39 0.40 4.07
N LYS B 134 17.18 -0.19 5.26
CA LYS B 134 17.62 0.50 6.51
C LYS B 134 19.07 0.65 6.65
N VAL B 135 19.81 -0.41 6.29
CA VAL B 135 21.24 -0.36 6.35
C VAL B 135 21.72 0.75 5.43
N VAL B 136 21.24 0.76 4.18
CA VAL B 136 21.72 1.81 3.22
C VAL B 136 21.44 3.25 3.71
N GLU B 137 20.19 3.50 4.09
CA GLU B 137 19.77 4.79 4.67
C GLU B 137 20.64 5.20 5.83
N SER B 138 20.89 4.31 6.78
CA SER B 138 21.72 4.65 7.94
C SER B 138 23.14 4.98 7.57
N LEU B 139 23.62 4.43 6.45
CA LEU B 139 24.93 4.76 5.93
C LEU B 139 24.98 5.81 4.78
N ALA B 140 23.89 6.52 4.52
CA ALA B 140 23.85 7.54 3.46
C ALA B 140 24.94 8.57 3.57
N GLY B 141 25.32 8.92 4.80
CA GLY B 141 26.45 9.86 5.01
C GLY B 141 27.83 9.26 4.84
N VAL B 142 27.98 7.95 5.03
CA VAL B 142 29.25 7.27 4.78
C VAL B 142 29.41 6.96 3.27
N LEU B 143 28.36 6.44 2.66
CA LEU B 143 28.41 6.05 1.27
C LEU B 143 28.34 7.28 0.32
N GLY B 144 27.74 8.38 0.77
CA GLY B 144 27.44 9.51 -0.13
C GLY B 144 26.07 9.34 -0.78
N GLU B 145 25.46 10.41 -1.25
CA GLU B 145 24.09 10.25 -1.57
C GLU B 145 23.94 9.53 -2.91
N GLN B 146 24.95 9.53 -3.78
CA GLN B 146 24.83 8.86 -5.09
C GLN B 146 24.93 7.34 -4.99
N ALA B 147 25.99 6.88 -4.37
CA ALA B 147 26.11 5.41 -4.04
C ALA B 147 24.89 4.89 -3.28
N ALA B 148 24.37 5.64 -2.31
CA ALA B 148 23.18 5.22 -1.62
C ALA B 148 21.93 5.13 -2.52
N ARG B 149 21.74 6.17 -3.36
CA ARG B 149 20.63 6.16 -4.30
C ARG B 149 20.66 4.95 -5.26
N GLU B 150 21.84 4.71 -5.77
CA GLU B 150 22.00 3.65 -6.74
C GLU B 150 21.81 2.27 -6.08
N ALA B 151 22.27 2.16 -4.84
CA ALA B 151 22.05 0.87 -4.11
C ALA B 151 20.57 0.60 -3.92
N LEU B 152 19.79 1.63 -3.53
CA LEU B 152 18.37 1.49 -3.41
C LEU B 152 17.73 1.14 -4.72
N ALA B 153 18.14 1.86 -5.80
CA ALA B 153 17.56 1.52 -7.08
C ALA B 153 17.79 0.09 -7.57
N GLU B 154 19.04 -0.38 -7.43
CA GLU B 154 19.41 -1.75 -7.80
C GLU B 154 18.75 -2.77 -6.85
N GLY B 155 18.67 -2.38 -5.59
CA GLY B 155 17.99 -3.28 -4.62
C GLY B 155 16.52 -3.50 -4.86
N THR B 156 15.84 -2.41 -5.22
CA THR B 156 14.41 -2.47 -5.52
C THR B 156 14.22 -3.30 -6.77
N ALA B 157 15.07 -3.11 -7.79
CA ALA B 157 14.97 -3.97 -8.95
C ALA B 157 15.20 -5.45 -8.64
N ALA B 158 16.22 -5.72 -7.81
CA ALA B 158 16.48 -7.07 -7.37
C ALA B 158 15.29 -7.71 -6.62
N ALA B 159 14.68 -6.99 -5.72
CA ALA B 159 13.53 -7.44 -4.88
C ALA B 159 12.33 -7.72 -5.76
N ASP B 160 12.21 -6.97 -6.85
CA ASP B 160 11.11 -7.21 -7.82
C ASP B 160 11.29 -8.46 -8.66
N ARG B 161 12.52 -8.88 -8.88
CA ARG B 161 12.82 -9.96 -9.78
C ARG B 161 13.15 -11.30 -9.14
N ILE B 162 13.73 -11.30 -7.92
CA ILE B 162 14.28 -12.50 -7.39
C ILE B 162 13.40 -12.98 -6.28
N GLY B 163 12.83 -14.17 -6.47
CA GLY B 163 11.80 -14.62 -5.60
C GLY B 163 12.25 -15.44 -4.42
N ASP B 164 13.50 -15.84 -4.38
CA ASP B 164 13.95 -16.73 -3.27
C ASP B 164 14.90 -15.98 -2.36
N VAL B 165 14.85 -16.33 -1.08
CA VAL B 165 15.62 -15.60 -0.06
C VAL B 165 17.11 -15.70 -0.32
N GLU B 166 17.59 -16.90 -0.61
CA GLU B 166 19.04 -17.10 -0.80
C GLU B 166 19.58 -16.28 -2.00
N GLY B 167 18.84 -16.35 -3.10
CA GLY B 167 19.17 -15.58 -4.29
C GLY B 167 19.12 -14.08 -4.11
N LEU B 168 18.07 -13.56 -3.45
CA LEU B 168 17.97 -12.15 -3.20
C LEU B 168 19.13 -11.67 -2.32
N GLY B 169 19.44 -12.43 -1.25
CA GLY B 169 20.48 -11.98 -0.34
C GLY B 169 21.79 -11.88 -1.08
N ALA B 170 22.08 -12.84 -1.95
CA ALA B 170 23.36 -12.80 -2.69
C ALA B 170 23.44 -11.56 -3.59
N GLU B 171 22.33 -11.22 -4.23
CA GLU B 171 22.28 -10.04 -5.09
C GLU B 171 22.37 -8.78 -4.29
N LEU B 172 21.71 -8.68 -3.11
CA LEU B 172 21.77 -7.48 -2.32
C LEU B 172 23.21 -7.25 -1.84
N VAL B 173 23.89 -8.35 -1.47
CA VAL B 173 25.29 -8.22 -1.07
C VAL B 173 26.14 -7.70 -2.25
N ARG B 174 25.93 -8.20 -3.45
CA ARG B 174 26.64 -7.71 -4.61
C ARG B 174 26.40 -6.21 -4.78
N VAL B 175 25.14 -5.80 -4.71
CA VAL B 175 24.78 -4.41 -4.75
C VAL B 175 25.48 -3.56 -3.68
N PHE B 176 25.50 -4.02 -2.42
CA PHE B 176 26.04 -3.22 -1.37
C PHE B 176 27.57 -3.15 -1.51
N THR B 177 28.16 -4.24 -1.96
CA THR B 177 29.59 -4.31 -2.23
C THR B 177 29.97 -3.26 -3.26
N ALA B 178 29.20 -3.21 -4.33
CA ALA B 178 29.38 -2.20 -5.40
C ALA B 178 29.23 -0.78 -4.89
N ALA B 179 28.25 -0.56 -4.01
CA ALA B 179 28.02 0.77 -3.39
C ALA B 179 29.21 1.20 -2.60
N GLY B 180 29.76 0.32 -1.76
CA GLY B 180 30.95 0.60 -1.00
C GLY B 180 32.15 0.97 -1.86
N ARG B 181 32.37 0.21 -2.91
CA ARG B 181 33.37 0.55 -3.94
C ARG B 181 33.12 1.91 -4.64
N ALA B 182 31.87 2.20 -4.96
CA ALA B 182 31.56 3.47 -5.60
C ALA B 182 31.84 4.60 -4.62
N ALA B 183 31.61 4.37 -3.34
CA ALA B 183 31.78 5.39 -2.33
C ALA B 183 33.23 5.84 -2.17
N CYS B 184 34.12 4.94 -2.48
CA CYS B 184 35.55 5.16 -2.42
C CYS B 184 36.03 5.90 -3.69
N ALA B 185 35.62 5.42 -4.84
CA ALA B 185 36.02 5.87 -6.20
C ALA B 185 35.63 7.34 -6.46
N ALA B 186 34.55 7.81 -5.81
CA ALA B 186 34.04 9.15 -6.06
C ALA B 186 33.20 9.85 -4.95
N ALA B 187 33.18 9.34 -3.71
CA ALA B 187 32.60 10.07 -2.55
C ALA B 187 33.58 10.16 -1.39
N ASP B 188 34.85 9.83 -1.62
CA ASP B 188 35.91 10.06 -0.65
C ASP B 188 36.02 9.06 0.49
N LEU B 189 35.19 8.00 0.51
CA LEU B 189 35.22 7.01 1.59
C LEU B 189 36.58 6.29 1.74
N ASP B 190 37.05 6.16 2.96
CA ASP B 190 38.27 5.40 3.24
C ASP B 190 38.19 3.91 2.82
N ASP B 191 39.24 3.38 2.19
CA ASP B 191 39.23 1.98 1.64
C ASP B 191 39.07 0.82 2.62
N GLU B 192 39.81 0.89 3.71
CA GLU B 192 39.81 -0.15 4.73
C GLU B 192 38.48 -0.14 5.46
N PHE B 193 37.90 1.06 5.64
CA PHE B 193 36.60 1.22 6.28
C PHE B 193 35.50 0.67 5.37
N ALA B 194 35.58 0.97 4.07
CA ALA B 194 34.66 0.38 3.08
C ALA B 194 34.73 -1.14 3.07
N ASP B 195 35.93 -1.72 3.11
CA ASP B 195 36.05 -3.18 3.20
C ASP B 195 35.38 -3.78 4.47
N GLU B 196 35.58 -3.14 5.61
CA GLU B 196 34.91 -3.58 6.86
C GLU B 196 33.37 -3.44 6.70
N LEU B 197 32.89 -2.31 6.19
CA LEU B 197 31.47 -2.10 6.01
C LEU B 197 30.90 -3.22 5.10
N THR B 198 31.51 -3.44 3.95
CA THR B 198 30.95 -4.39 2.97
C THR B 198 31.03 -5.82 3.54
N ALA B 199 32.10 -6.13 4.25
CA ALA B 199 32.25 -7.49 4.83
C ALA B 199 31.18 -7.68 5.91
N THR B 200 30.92 -6.66 6.69
CA THR B 200 29.97 -6.78 7.77
C THR B 200 28.54 -6.97 7.22
N TYR B 201 28.19 -6.23 6.18
CA TYR B 201 26.84 -6.44 5.59
C TYR B 201 26.77 -7.86 4.99
N ARG B 202 27.86 -8.33 4.37
CA ARG B 202 27.95 -9.68 3.80
C ARG B 202 27.70 -10.74 4.95
N SER B 203 28.36 -10.51 6.05
CA SER B 203 28.20 -11.37 7.25
C SER B 203 26.73 -11.39 7.71
N PHE B 204 26.14 -10.23 7.81
CA PHE B 204 24.71 -10.09 8.20
C PHE B 204 23.75 -10.81 7.30
N VAL B 205 23.90 -10.63 5.98
CA VAL B 205 23.02 -11.35 5.07
C VAL B 205 23.21 -12.88 5.17
N SER B 206 24.48 -13.31 5.31
CA SER B 206 24.79 -14.71 5.44
C SER B 206 24.09 -15.30 6.66
N TYR B 207 24.13 -14.55 7.72
CA TYR B 207 23.43 -14.94 9.00
C TYR B 207 21.89 -14.98 8.80
N LEU B 208 21.33 -13.97 8.13
CA LEU B 208 19.86 -13.94 7.87
C LEU B 208 19.39 -15.11 7.00
N VAL B 209 20.13 -15.38 5.94
CA VAL B 209 19.75 -16.43 4.99
C VAL B 209 19.87 -17.81 5.64
N ALA B 210 20.88 -18.04 6.42
CA ALA B 210 21.05 -19.29 7.19
C ALA B 210 19.95 -19.37 8.25
N ALA B 211 19.62 -18.27 8.94
CA ALA B 211 18.50 -18.29 9.87
C ALA B 211 17.20 -18.71 9.22
N ALA B 212 16.95 -18.23 8.01
CA ALA B 212 15.72 -18.60 7.28
C ALA B 212 15.62 -20.07 6.99
N ALA B 213 16.73 -20.72 6.84
CA ALA B 213 16.75 -22.14 6.55
C ALA B 213 16.37 -23.07 7.70
N VAL B 214 16.46 -22.57 8.92
CA VAL B 214 16.10 -23.30 10.09
C VAL B 214 14.59 -23.66 10.06
N ASP B 215 14.24 -24.86 10.47
CA ASP B 215 12.82 -25.28 10.52
C ASP B 215 12.21 -24.67 11.79
N HIS B 216 11.80 -23.41 11.65
CA HIS B 216 11.29 -22.62 12.83
C HIS B 216 10.00 -23.18 13.39
N VAL B 217 9.19 -23.80 12.53
CA VAL B 217 7.92 -24.42 13.04
C VAL B 217 8.25 -25.53 14.02
N LYS B 218 9.24 -26.36 13.70
CA LYS B 218 9.66 -27.35 14.62
C LYS B 218 10.31 -26.77 15.90
N CYS B 219 11.26 -25.88 15.68
CA CYS B 219 12.11 -25.40 16.75
C CYS B 219 11.49 -24.39 17.68
N TRP B 220 10.37 -23.73 17.32
CA TRP B 220 9.67 -22.78 18.21
C TRP B 220 8.49 -23.41 18.94
N SER B 221 8.20 -24.69 18.66
CA SER B 221 6.99 -25.26 19.30
C SER B 221 7.01 -25.24 20.83
N GLY B 222 8.22 -25.30 21.44
CA GLY B 222 8.46 -25.18 22.84
C GLY B 222 8.88 -23.83 23.41
N ALA B 223 8.87 -22.81 22.55
CA ALA B 223 9.40 -21.49 22.91
C ALA B 223 8.32 -20.67 23.63
N VAL B 224 8.80 -19.85 24.55
CA VAL B 224 8.02 -18.72 25.10
C VAL B 224 8.41 -17.52 24.23
N ALA B 225 7.47 -16.89 23.60
CA ALA B 225 7.78 -15.70 22.81
C ALA B 225 7.48 -14.42 23.65
N VAL B 226 8.31 -13.40 23.42
CA VAL B 226 8.17 -12.06 24.04
C VAL B 226 8.03 -11.11 22.87
N SER B 227 6.87 -10.46 22.81
CA SER B 227 6.44 -9.68 21.62
C SER B 227 6.27 -8.20 21.96
N SER B 228 6.83 -7.38 21.10
CA SER B 228 6.63 -5.92 21.17
C SER B 228 5.28 -5.61 20.57
N ALA B 229 5.01 -4.28 20.48
CA ALA B 229 3.80 -3.77 19.84
C ALA B 229 3.99 -3.29 18.40
N THR B 230 5.18 -3.46 17.83
CA THR B 230 5.41 -2.98 16.49
C THR B 230 4.75 -3.89 15.48
N PRO B 231 3.82 -3.40 14.70
CA PRO B 231 2.97 -4.35 13.97
C PRO B 231 3.61 -5.19 12.90
N THR B 232 4.72 -4.76 12.37
CA THR B 232 5.43 -5.50 11.37
C THR B 232 6.47 -6.45 11.94
N SER B 233 6.69 -6.45 13.26
CA SER B 233 7.82 -7.17 13.86
C SER B 233 7.33 -8.50 14.48
N GLY B 234 8.18 -9.52 14.34
CA GLY B 234 8.00 -10.76 15.12
C GLY B 234 6.73 -11.51 14.69
N LEU B 235 5.91 -11.87 15.68
CA LEU B 235 4.72 -12.63 15.45
C LEU B 235 3.53 -11.68 15.17
N ASN B 236 3.73 -10.36 15.27
CA ASN B 236 2.57 -9.47 15.13
C ASN B 236 1.85 -9.51 13.78
N PRO B 237 2.56 -9.75 12.69
CA PRO B 237 1.82 -9.83 11.39
C PRO B 237 0.97 -11.09 11.21
N LEU B 238 1.22 -12.12 12.03
CA LEU B 238 0.47 -13.31 11.94
C LEU B 238 -0.97 -13.18 12.44
N ASP B 239 -1.82 -14.02 11.92
CA ASP B 239 -3.19 -14.15 12.38
C ASP B 239 -3.08 -14.72 13.81
N PRO B 240 -3.97 -14.36 14.72
CA PRO B 240 -3.91 -14.80 16.10
C PRO B 240 -3.85 -16.34 16.26
N ALA B 241 -4.62 -17.08 15.47
CA ALA B 241 -4.56 -18.57 15.51
C ALA B 241 -3.21 -19.10 15.11
N ALA B 242 -2.62 -18.45 14.10
CA ALA B 242 -1.30 -18.86 13.61
C ALA B 242 -0.27 -18.55 14.68
N ARG B 243 -0.37 -17.43 15.34
CA ARG B 243 0.58 -17.14 16.47
C ARG B 243 0.49 -18.22 17.56
N ALA B 244 -0.76 -18.55 17.93
CA ALA B 244 -0.96 -19.47 19.03
C ALA B 244 -0.45 -20.82 18.69
N ALA B 245 -0.54 -21.24 17.43
CA ALA B 245 -0.12 -22.54 16.98
C ALA B 245 1.41 -22.65 16.93
N LEU B 246 2.06 -21.52 16.71
CA LEU B 246 3.51 -21.57 16.41
C LEU B 246 4.34 -21.72 17.62
N VAL B 247 3.99 -21.10 18.74
CA VAL B 247 4.82 -21.06 19.91
C VAL B 247 4.05 -21.61 21.10
N GLU B 248 4.72 -22.00 22.19
CA GLU B 248 4.08 -22.50 23.39
C GLU B 248 3.27 -21.46 24.18
N ARG B 249 3.79 -20.23 24.20
CA ARG B 249 3.21 -19.15 25.00
C ARG B 249 3.73 -17.85 24.39
N GLU B 250 2.93 -16.81 24.43
CA GLU B 250 3.34 -15.50 23.95
C GLU B 250 3.03 -14.40 24.94
N LEU B 251 4.04 -13.74 25.51
CA LEU B 251 3.83 -12.55 26.34
C LEU B 251 3.84 -11.33 25.45
N THR B 252 3.01 -10.31 25.74
CA THR B 252 3.00 -9.12 24.97
C THR B 252 3.34 -7.89 25.85
N PHE B 253 4.00 -6.90 25.14
CA PHE B 253 4.48 -5.68 25.82
C PHE B 253 4.22 -4.51 24.90
N ASP B 254 3.71 -3.43 25.57
CA ASP B 254 3.37 -2.23 24.78
C ASP B 254 4.57 -1.33 24.68
N VAL B 255 5.53 -1.81 23.88
CA VAL B 255 6.82 -1.13 23.61
C VAL B 255 7.14 -1.30 22.14
N HIS B 256 7.98 -0.42 21.61
CA HIS B 256 8.49 -0.57 20.29
C HIS B 256 9.52 -1.75 20.27
N HIS B 257 9.60 -2.36 19.14
CA HIS B 257 10.60 -3.41 18.80
C HIS B 257 12.00 -2.99 19.19
N ALA B 258 12.36 -1.76 18.82
CA ALA B 258 13.67 -1.27 19.17
C ALA B 258 13.94 -1.02 20.66
N ASP B 259 12.91 -1.04 21.52
CA ASP B 259 13.06 -0.86 22.89
C ASP B 259 12.75 -2.11 23.72
N LEU B 260 12.42 -3.20 22.99
CA LEU B 260 12.00 -4.43 23.71
C LEU B 260 12.98 -4.91 24.77
N LEU B 261 14.26 -5.07 24.38
CA LEU B 261 15.26 -5.55 25.25
C LEU B 261 15.83 -4.62 26.34
N ARG B 262 15.38 -3.37 26.30
CA ARG B 262 15.69 -2.43 27.39
C ARG B 262 14.51 -2.12 28.26
N ASP B 263 13.38 -2.76 28.06
CA ASP B 263 12.22 -2.49 28.91
C ASP B 263 12.22 -3.12 30.29
N PRO B 264 12.02 -2.36 31.40
CA PRO B 264 12.03 -2.97 32.70
C PRO B 264 10.97 -4.09 32.88
N GLY B 265 9.83 -3.88 32.31
CA GLY B 265 8.78 -4.88 32.38
C GLY B 265 9.16 -6.22 31.77
N VAL B 266 9.74 -6.11 30.60
CA VAL B 266 10.31 -7.28 29.90
C VAL B 266 11.31 -7.96 30.80
N ALA B 267 12.29 -7.23 31.38
CA ALA B 267 13.24 -7.85 32.22
C ALA B 267 12.68 -8.53 33.43
N ARG B 268 11.72 -7.87 34.06
CA ARG B 268 11.03 -8.47 35.16
C ARG B 268 10.41 -9.81 34.81
N ALA B 269 9.76 -9.83 33.67
CA ALA B 269 9.12 -11.04 33.20
C ALA B 269 10.09 -12.11 32.88
N VAL B 270 11.16 -11.74 32.20
CA VAL B 270 12.22 -12.70 31.84
C VAL B 270 12.84 -13.30 33.06
N ALA B 271 13.19 -12.50 34.06
CA ALA B 271 13.69 -13.05 35.33
C ALA B 271 12.79 -14.09 35.90
N ARG B 272 11.47 -13.86 35.87
CA ARG B 272 10.55 -14.87 36.36
C ARG B 272 10.60 -16.12 35.48
N LEU B 273 10.65 -15.94 34.17
CA LEU B 273 10.75 -17.10 33.24
C LEU B 273 11.98 -17.91 33.45
N LEU B 274 13.04 -17.30 33.96
CA LEU B 274 14.33 -18.01 34.10
C LEU B 274 14.50 -18.57 35.48
N ALA B 275 13.68 -18.14 36.43
CA ALA B 275 13.91 -18.47 37.85
C ALA B 275 13.66 -19.95 38.07
S SO4 C . -34.62 19.64 2.62
O1 SO4 C . -36.09 19.51 2.71
O2 SO4 C . -34.09 19.10 1.34
O3 SO4 C . -34.39 21.09 2.67
O4 SO4 C . -34.06 18.91 3.84
S SO4 D . 4.58 -4.59 32.59
O1 SO4 D . 3.13 -4.92 32.73
O2 SO4 D . 5.00 -5.16 31.32
O3 SO4 D . 4.95 -3.18 32.59
O4 SO4 D . 5.15 -5.11 33.83
#